data_3NMA
#
_entry.id   3NMA
#
_cell.length_a   93.834
_cell.length_b   93.834
_cell.length_c   121.687
_cell.angle_alpha   90.00
_cell.angle_beta   90.00
_cell.angle_gamma   90.00
#
_symmetry.space_group_name_H-M   'P 41 21 2'
#
loop_
_entity.id
_entity.type
_entity.pdbx_description
1 polymer 'Genome polyprotein'
2 polymer "5'-R(*GP*GP*C)-3'"
3 polymer "5'-R(P*CP*C)-3'"
4 non-polymer 'MAGNESIUM ION'
5 water water
#
loop_
_entity_poly.entity_id
_entity_poly.type
_entity_poly.pdbx_seq_one_letter_code
_entity_poly.pdbx_strand_id
1 'polypeptide(L)'
;GLIVDTRDVEERVHVMRKTKLAPTVAHGVFNPEFGPAALSNKDPRLNEGVVLDEVIFSKHKGDTKMSAEDKALFRRCAAD
YASRLHSVLGTANAPLSIYEAIKGVDGLDAMEPDTAPGLPWALQGKRRGALIDFENGTVGPEVEAALKLMEKREYKFACQ
TFLKDEIRSMEKVRAGKTRIVDVLPVEHILYTRMMIGRFCAQMHSNNGPQIGSAVGCNPDVDWQRFGTHFAQYRNVWDVD
YSAFDANHCSDAMNIMFEEVFRTEFGFHPNAEWILKTLVNTEHAYENKRITVEGGMPSGCSATSIINTILNNIYVLYALR
RHYEGVELDTYTMISYGDDIVVASDYDLDFEALKPHFKSLGQTITPADKSDKGFVLGHSITDVTFLKRHFHMDYGTGFYK
PVMASKTLEAILSFARRGTIQEKLISVAGLAVHSGPDEYRRLFEPFQGLFEIPSYRSLYLRWVNAVCGDAAALAHH
;
A
2 'polyribonucleotide' GGC B
3 'polyribonucleotide' CC C
#
# COMPACT_ATOMS: atom_id res chain seq x y z
N GLY A 1 13.21 -10.17 2.12
CA GLY A 1 14.67 -9.91 1.93
C GLY A 1 15.55 -11.01 2.50
N LEU A 2 16.85 -10.74 2.57
CA LEU A 2 17.80 -11.70 3.11
C LEU A 2 18.41 -11.19 4.42
N ILE A 3 18.17 -11.93 5.49
CA ILE A 3 18.81 -11.65 6.78
C ILE A 3 20.28 -12.06 6.66
N VAL A 4 21.17 -11.07 6.68
CA VAL A 4 22.60 -11.31 6.54
C VAL A 4 23.37 -11.16 7.85
N ASP A 5 22.80 -10.39 8.77
CA ASP A 5 23.47 -10.11 10.04
C ASP A 5 22.47 -9.89 11.18
N THR A 6 22.63 -10.64 12.25
CA THR A 6 21.84 -10.47 13.47
C THR A 6 22.79 -10.42 14.66
N ARG A 7 22.71 -9.32 15.42
CA ARG A 7 23.53 -9.14 16.62
C ARG A 7 22.71 -8.55 17.76
N ASP A 8 23.23 -8.70 18.98
CA ASP A 8 22.59 -8.13 20.15
C ASP A 8 23.38 -6.93 20.67
N VAL A 9 22.71 -5.80 20.83
CA VAL A 9 23.33 -4.60 21.38
C VAL A 9 22.74 -4.28 22.77
N GLU A 10 23.53 -3.61 23.60
CA GLU A 10 23.14 -3.32 24.99
C GLU A 10 22.17 -2.13 25.13
N GLU A 11 21.37 -1.89 24.10
CA GLU A 11 20.36 -0.83 24.12
C GLU A 11 19.04 -1.34 23.51
N ARG A 12 18.01 -1.43 24.34
CA ARG A 12 16.72 -2.00 23.94
C ARG A 12 15.81 -0.98 23.25
N VAL A 13 15.09 -1.44 22.24
CA VAL A 13 14.05 -0.63 21.58
C VAL A 13 12.67 -1.18 21.98
N HIS A 14 12.04 -0.50 22.94
CA HIS A 14 10.73 -0.90 23.47
C HIS A 14 9.63 -0.77 22.41
N VAL A 15 8.74 -1.76 22.39
CA VAL A 15 7.66 -1.81 21.40
C VAL A 15 6.27 -1.82 22.04
N MET A 16 5.26 -1.38 21.29
CA MET A 16 3.87 -1.36 21.75
C MET A 16 3.30 -2.78 21.86
N ARG A 17 2.92 -3.17 23.07
CA ARG A 17 2.51 -4.55 23.36
C ARG A 17 1.12 -4.68 24.02
N LYS A 18 0.39 -3.58 24.06
CA LYS A 18 -1.00 -3.59 24.55
C LYS A 18 -1.92 -3.02 23.48
N THR A 19 -2.91 -3.82 23.08
CA THR A 19 -3.81 -3.42 21.98
C THR A 19 -4.76 -2.28 22.34
N LYS A 20 -4.94 -1.37 21.38
CA LYS A 20 -5.89 -0.27 21.52
C LYS A 20 -7.29 -0.69 21.08
N LEU A 21 -7.36 -1.80 20.35
CA LEU A 21 -8.62 -2.29 19.80
C LEU A 21 -9.44 -3.07 20.82
N ALA A 22 -10.74 -2.79 20.83
CA ALA A 22 -11.68 -3.44 21.74
C ALA A 22 -12.95 -3.82 21.00
N PRO A 23 -13.65 -4.88 21.45
CA PRO A 23 -14.92 -5.27 20.82
C PRO A 23 -15.99 -4.18 20.93
N THR A 24 -16.84 -4.10 19.90
CA THR A 24 -18.01 -3.22 19.94
C THR A 24 -19.27 -4.04 20.22
N VAL A 25 -20.41 -3.36 20.20
CA VAL A 25 -21.72 -4.01 20.36
C VAL A 25 -22.02 -5.00 19.22
N ALA A 26 -21.36 -4.82 18.09
CA ALA A 26 -21.58 -5.67 16.91
C ALA A 26 -20.90 -7.04 17.03
N HIS A 27 -19.82 -7.10 17.81
CA HIS A 27 -19.07 -8.33 18.00
C HIS A 27 -19.98 -9.46 18.51
N GLY A 28 -20.84 -9.14 19.47
CA GLY A 28 -21.79 -10.09 20.04
C GLY A 28 -22.84 -10.61 19.05
N VAL A 29 -23.09 -9.85 17.99
CA VAL A 29 -24.09 -10.21 16.98
C VAL A 29 -23.47 -10.98 15.82
N PHE A 30 -22.39 -10.44 15.25
CA PHE A 30 -21.78 -11.00 14.04
C PHE A 30 -20.83 -12.17 14.30
N ASN A 31 -20.25 -12.22 15.51
CA ASN A 31 -19.28 -13.24 15.88
C ASN A 31 -18.26 -13.56 14.78
N PRO A 32 -17.43 -12.57 14.40
CA PRO A 32 -16.54 -12.76 13.27
C PRO A 32 -15.32 -13.63 13.61
N GLU A 33 -14.83 -14.36 12.61
CA GLU A 33 -13.63 -15.17 12.78
C GLU A 33 -12.38 -14.28 12.63
N PHE A 34 -12.37 -13.20 13.41
CA PHE A 34 -11.34 -12.17 13.36
C PHE A 34 -11.03 -11.68 14.77
N GLY A 35 -9.91 -10.97 14.90
CA GLY A 35 -9.49 -10.40 16.18
C GLY A 35 -8.23 -9.57 16.05
N PRO A 36 -7.85 -8.84 17.12
CA PRO A 36 -6.61 -8.07 17.10
C PRO A 36 -5.40 -8.98 17.03
N ALA A 37 -4.37 -8.57 16.31
CA ALA A 37 -3.14 -9.36 16.20
C ALA A 37 -2.43 -9.49 17.54
N ALA A 38 -1.53 -10.47 17.63
CA ALA A 38 -0.74 -10.68 18.83
C ALA A 38 0.38 -9.65 18.92
N LEU A 39 0.43 -8.93 20.03
CA LEU A 39 1.45 -7.91 20.26
C LEU A 39 2.42 -8.35 21.37
N SER A 40 2.09 -9.46 22.02
CA SER A 40 2.92 -10.03 23.07
C SER A 40 3.24 -11.50 22.76
N ASN A 41 4.45 -11.91 23.13
CA ASN A 41 4.87 -13.30 23.01
C ASN A 41 4.01 -14.24 23.85
N LYS A 42 3.57 -13.77 25.02
CA LYS A 42 2.74 -14.56 25.92
C LYS A 42 1.25 -14.20 25.81
N ASP A 43 0.77 -14.09 24.57
CA ASP A 43 -0.66 -13.95 24.30
C ASP A 43 -1.28 -15.34 24.42
N PRO A 44 -2.32 -15.49 25.27
CA PRO A 44 -2.96 -16.79 25.50
C PRO A 44 -3.63 -17.38 24.25
N ARG A 45 -3.94 -16.53 23.28
CA ARG A 45 -4.60 -16.95 22.04
C ARG A 45 -3.67 -17.63 21.04
N LEU A 46 -2.36 -17.39 21.18
CA LEU A 46 -1.35 -17.95 20.28
C LEU A 46 -1.26 -19.46 20.38
N ASN A 47 -0.92 -20.11 19.25
CA ASN A 47 -0.64 -21.54 19.24
C ASN A 47 0.53 -21.84 20.17
N GLU A 48 0.27 -22.65 21.19
CA GLU A 48 1.21 -22.84 22.29
C GLU A 48 2.55 -23.47 21.87
N GLY A 49 3.49 -22.61 21.49
CA GLY A 49 4.81 -23.02 21.01
C GLY A 49 5.41 -22.04 20.01
N VAL A 50 4.56 -21.13 19.52
CA VAL A 50 4.97 -20.12 18.55
C VAL A 50 5.77 -18.99 19.20
N VAL A 51 6.88 -18.63 18.59
CA VAL A 51 7.69 -17.49 19.03
C VAL A 51 7.42 -16.31 18.10
N LEU A 52 6.82 -15.26 18.66
CA LEU A 52 6.32 -14.10 17.90
C LEU A 52 7.39 -13.41 17.07
N ASP A 53 8.54 -13.12 17.68
CA ASP A 53 9.65 -12.50 16.96
C ASP A 53 10.54 -13.53 16.26
N GLU A 54 9.89 -14.46 15.56
CA GLU A 54 10.51 -15.36 14.61
C GLU A 54 9.59 -15.49 13.41
N VAL A 55 8.30 -15.24 13.64
CA VAL A 55 7.28 -15.27 12.60
C VAL A 55 7.19 -13.91 11.91
N ILE A 56 7.39 -12.84 12.67
CA ILE A 56 7.33 -11.48 12.12
C ILE A 56 8.49 -11.18 11.17
N PHE A 57 9.57 -11.96 11.31
CA PHE A 57 10.73 -11.83 10.43
C PHE A 57 10.88 -13.03 9.49
N SER A 58 9.99 -14.01 9.62
CA SER A 58 9.99 -15.21 8.77
C SER A 58 9.75 -14.88 7.30
N LYS A 59 9.13 -13.72 7.04
CA LYS A 59 8.88 -13.25 5.68
C LYS A 59 10.17 -13.06 4.87
N HIS A 60 11.28 -12.86 5.57
CA HIS A 60 12.59 -12.70 4.92
C HIS A 60 13.19 -14.06 4.57
N LYS A 61 12.94 -14.49 3.34
CA LYS A 61 13.33 -15.83 2.89
C LYS A 61 14.42 -15.76 1.82
N GLY A 62 15.08 -14.61 1.69
CA GLY A 62 16.15 -14.45 0.73
C GLY A 62 15.98 -13.27 -0.21
N ASP A 63 17.02 -13.03 -1.00
CA ASP A 63 17.06 -11.93 -1.96
C ASP A 63 17.48 -12.48 -3.31
N THR A 64 16.50 -12.70 -4.19
CA THR A 64 16.72 -13.32 -5.49
C THR A 64 17.73 -12.55 -6.33
N LYS A 65 18.77 -13.24 -6.77
CA LYS A 65 19.79 -12.63 -7.62
C LYS A 65 19.49 -12.96 -9.08
N MET A 66 19.25 -11.92 -9.88
CA MET A 66 18.91 -12.08 -11.28
C MET A 66 20.15 -12.23 -12.15
N SER A 67 20.04 -13.04 -13.20
CA SER A 67 21.11 -13.20 -14.18
C SER A 67 21.26 -11.94 -15.03
N ALA A 68 22.36 -11.86 -15.77
CA ALA A 68 22.66 -10.69 -16.60
C ALA A 68 21.53 -10.39 -17.60
N GLU A 69 21.11 -11.42 -18.33
CA GLU A 69 20.09 -11.28 -19.37
C GLU A 69 18.74 -10.83 -18.79
N ASP A 70 18.39 -11.39 -17.63
CA ASP A 70 17.15 -11.04 -16.92
C ASP A 70 17.19 -9.61 -16.39
N LYS A 71 18.37 -9.18 -15.93
CA LYS A 71 18.56 -7.79 -15.50
C LYS A 71 18.43 -6.81 -16.66
N ALA A 72 19.03 -7.16 -17.80
CA ALA A 72 18.97 -6.33 -19.00
C ALA A 72 17.55 -6.18 -19.53
N LEU A 73 16.76 -7.25 -19.43
CA LEU A 73 15.35 -7.21 -19.78
C LEU A 73 14.56 -6.33 -18.81
N PHE A 74 14.92 -6.39 -17.53
CA PHE A 74 14.24 -5.61 -16.50
C PHE A 74 14.47 -4.12 -16.70
N ARG A 75 15.71 -3.73 -17.02
CA ARG A 75 16.05 -2.32 -17.26
C ARG A 75 15.27 -1.77 -18.44
N ARG A 76 15.08 -2.61 -19.45
CA ARG A 76 14.38 -2.22 -20.66
C ARG A 76 12.89 -1.98 -20.36
N CYS A 77 12.31 -2.84 -19.52
CA CYS A 77 10.91 -2.70 -19.09
C CYS A 77 10.70 -1.53 -18.15
N ALA A 78 11.69 -1.30 -17.29
CA ALA A 78 11.68 -0.17 -16.37
C ALA A 78 11.78 1.16 -17.11
N ALA A 79 12.62 1.21 -18.14
CA ALA A 79 12.79 2.41 -18.94
C ALA A 79 11.54 2.73 -19.77
N ASP A 80 10.95 1.70 -20.38
CA ASP A 80 9.72 1.85 -21.17
C ASP A 80 8.53 2.28 -20.32
N TYR A 81 8.45 1.80 -19.09
CA TYR A 81 7.39 2.22 -18.18
C TYR A 81 7.61 3.66 -17.73
N ALA A 82 8.84 3.97 -17.30
CA ALA A 82 9.23 5.33 -16.95
C ALA A 82 8.89 6.29 -18.08
N SER A 83 9.18 5.87 -19.31
CA SER A 83 8.84 6.62 -20.51
C SER A 83 7.35 6.96 -20.59
N ARG A 84 6.50 5.95 -20.40
CA ARG A 84 5.04 6.16 -20.41
C ARG A 84 4.60 7.02 -19.24
N LEU A 85 5.18 6.74 -18.07
CA LEU A 85 4.84 7.45 -16.84
C LEU A 85 5.12 8.95 -16.94
N HIS A 86 6.36 9.31 -17.29
CA HIS A 86 6.74 10.72 -17.39
C HIS A 86 6.18 11.44 -18.61
N SER A 87 5.72 10.67 -19.59
CA SER A 87 5.00 11.24 -20.73
C SER A 87 3.67 11.82 -20.29
N VAL A 88 3.01 11.13 -19.35
CA VAL A 88 1.71 11.58 -18.84
C VAL A 88 1.89 12.69 -17.79
N LEU A 89 2.72 12.44 -16.77
CA LEU A 89 2.91 13.36 -15.65
C LEU A 89 3.67 14.64 -16.00
N GLY A 90 4.62 14.54 -16.92
CA GLY A 90 5.52 15.67 -17.23
C GLY A 90 6.89 15.51 -16.60
N THR A 91 7.69 16.57 -16.62
CA THR A 91 9.05 16.53 -16.08
C THR A 91 9.31 17.58 -14.98
N ALA A 92 8.22 18.16 -14.46
CA ALA A 92 8.33 19.10 -13.35
C ALA A 92 8.46 18.32 -12.04
N ASN A 93 9.66 17.81 -11.79
CA ASN A 93 9.95 17.01 -10.61
C ASN A 93 11.07 17.61 -9.77
N ALA A 94 11.15 18.94 -9.80
CA ALA A 94 12.15 19.67 -9.02
C ALA A 94 11.91 19.46 -7.52
N PRO A 95 13.00 19.45 -6.73
CA PRO A 95 12.91 19.24 -5.28
C PRO A 95 11.92 20.17 -4.59
N LEU A 96 11.14 19.61 -3.67
CA LEU A 96 10.30 20.39 -2.78
C LEU A 96 11.17 21.08 -1.74
N SER A 97 10.79 22.31 -1.38
CA SER A 97 11.48 23.03 -0.31
C SER A 97 11.12 22.42 1.05
N ILE A 98 11.92 22.72 2.06
CA ILE A 98 11.69 22.26 3.43
C ILE A 98 10.23 22.53 3.85
N TYR A 99 9.75 23.74 3.59
CA TYR A 99 8.39 24.17 3.94
C TYR A 99 7.30 23.32 3.26
N GLU A 100 7.44 23.09 1.96
CA GLU A 100 6.44 22.37 1.16
C GLU A 100 6.38 20.89 1.51
N ALA A 101 7.52 20.32 1.91
CA ALA A 101 7.59 18.91 2.29
C ALA A 101 6.84 18.62 3.59
N ILE A 102 6.93 19.57 4.53
CA ILE A 102 6.24 19.47 5.82
C ILE A 102 4.73 19.72 5.66
N LYS A 103 4.38 20.84 5.04
CA LYS A 103 2.97 21.25 4.92
C LYS A 103 2.23 20.56 3.79
N GLY A 104 2.97 19.98 2.85
CA GLY A 104 2.38 19.33 1.68
C GLY A 104 1.93 20.33 0.63
N VAL A 105 1.82 19.87 -0.61
CA VAL A 105 1.36 20.69 -1.72
C VAL A 105 0.03 20.14 -2.23
N ASP A 106 -0.51 20.77 -3.27
CA ASP A 106 -1.72 20.25 -3.91
C ASP A 106 -1.40 18.88 -4.53
N GLY A 107 -2.05 17.85 -4.00
CA GLY A 107 -1.82 16.47 -4.42
C GLY A 107 -1.09 15.62 -3.39
N LEU A 108 -0.52 16.27 -2.38
CA LEU A 108 0.23 15.57 -1.33
C LEU A 108 -0.12 16.12 0.04
N ASP A 109 -0.68 15.26 0.90
CA ASP A 109 -1.05 15.64 2.26
C ASP A 109 0.16 16.08 3.09
N ALA A 110 -0.10 16.86 4.14
CA ALA A 110 0.95 17.31 5.05
C ALA A 110 1.57 16.14 5.80
N MET A 111 2.79 16.34 6.29
CA MET A 111 3.44 15.36 7.15
C MET A 111 2.69 15.26 8.47
N GLU A 112 2.49 14.04 8.95
CA GLU A 112 1.77 13.79 10.19
C GLU A 112 2.61 14.26 11.38
N PRO A 113 2.06 15.16 12.21
CA PRO A 113 2.84 15.82 13.26
C PRO A 113 3.00 15.02 14.55
N ASP A 114 2.12 14.04 14.78
CA ASP A 114 2.03 13.39 16.09
C ASP A 114 2.50 11.93 16.11
N THR A 115 2.64 11.32 14.94
CA THR A 115 3.08 9.92 14.81
C THR A 115 4.52 9.68 15.26
N ALA A 116 4.96 8.43 15.18
CA ALA A 116 6.28 8.01 15.66
C ALA A 116 7.44 8.76 14.99
N PRO A 117 8.47 9.14 15.77
CA PRO A 117 9.59 9.94 15.26
C PRO A 117 10.70 9.14 14.55
N GLY A 118 10.95 7.91 15.00
CA GLY A 118 12.04 7.10 14.48
C GLY A 118 13.26 7.12 15.37
N LEU A 119 14.39 6.64 14.85
CA LEU A 119 15.64 6.54 15.60
C LEU A 119 16.69 7.55 15.12
N PRO A 120 17.58 8.01 16.02
CA PRO A 120 17.67 7.64 17.43
C PRO A 120 16.79 8.50 18.35
N TRP A 121 15.84 9.22 17.76
CA TRP A 121 15.02 10.19 18.49
C TRP A 121 14.10 9.59 19.54
N ALA A 122 13.70 8.33 19.33
CA ALA A 122 12.86 7.59 20.28
C ALA A 122 13.64 7.22 21.54
N LEU A 123 14.95 7.03 21.39
CA LEU A 123 15.83 6.72 22.52
C LEU A 123 16.08 7.96 23.39
N GLN A 124 16.06 9.13 22.75
CA GLN A 124 16.24 10.41 23.46
C GLN A 124 14.93 10.86 24.12
N GLY A 125 13.86 10.13 23.85
CA GLY A 125 12.53 10.46 24.38
C GLY A 125 11.92 11.69 23.74
N LYS A 126 12.19 11.87 22.44
CA LYS A 126 11.73 13.05 21.71
C LYS A 126 10.60 12.72 20.75
N ARG A 127 9.53 13.52 20.80
CA ARG A 127 8.43 13.40 19.87
C ARG A 127 8.75 14.21 18.60
N ARG A 128 7.94 14.03 17.56
CA ARG A 128 8.13 14.73 16.28
C ARG A 128 8.09 16.25 16.42
N GLY A 129 7.34 16.75 17.40
CA GLY A 129 7.22 18.18 17.64
C GLY A 129 8.51 18.87 18.05
N ALA A 130 9.36 18.14 18.78
CA ALA A 130 10.62 18.70 19.29
C ALA A 130 11.67 18.86 18.20
N LEU A 131 11.50 18.13 17.09
CA LEU A 131 12.46 18.16 15.98
C LEU A 131 12.00 19.08 14.86
N ILE A 132 10.70 19.12 14.62
CA ILE A 132 10.12 19.86 13.50
C ILE A 132 8.94 20.72 13.93
N ASP A 133 8.95 21.99 13.52
CA ASP A 133 7.80 22.87 13.68
C ASP A 133 6.82 22.62 12.55
N PHE A 134 5.71 21.97 12.86
CA PHE A 134 4.69 21.61 11.88
C PHE A 134 3.72 22.76 11.60
N GLU A 135 3.73 23.76 12.47
CA GLU A 135 2.92 24.96 12.31
C GLU A 135 3.53 25.87 11.23
N ASN A 136 4.81 26.19 11.38
CA ASN A 136 5.49 27.12 10.48
C ASN A 136 6.24 26.47 9.32
N GLY A 137 6.35 25.14 9.35
CA GLY A 137 7.05 24.40 8.30
C GLY A 137 8.55 24.66 8.28
N THR A 138 9.16 24.63 9.46
CA THR A 138 10.59 24.85 9.62
C THR A 138 11.23 23.69 10.41
N VAL A 139 12.56 23.60 10.36
CA VAL A 139 13.28 22.52 11.02
C VAL A 139 14.19 23.02 12.15
N GLY A 140 14.33 22.19 13.18
CA GLY A 140 15.26 22.48 14.29
C GLY A 140 16.68 22.10 13.93
N PRO A 141 17.62 22.26 14.88
CA PRO A 141 19.04 21.99 14.64
C PRO A 141 19.37 20.53 14.31
N GLU A 142 18.61 19.61 14.90
CA GLU A 142 18.87 18.17 14.76
C GLU A 142 18.60 17.66 13.33
N VAL A 143 17.40 17.96 12.82
CA VAL A 143 17.01 17.57 11.46
C VAL A 143 17.87 18.29 10.42
N GLU A 144 18.12 19.58 10.67
CA GLU A 144 18.98 20.41 9.81
C GLU A 144 20.32 19.73 9.52
N ALA A 145 21.01 19.29 10.57
CA ALA A 145 22.30 18.62 10.45
C ALA A 145 22.21 17.32 9.63
N ALA A 146 21.13 16.59 9.81
CA ALA A 146 20.90 15.33 9.12
C ALA A 146 20.60 15.53 7.63
N LEU A 147 19.88 16.61 7.32
CA LEU A 147 19.55 16.95 5.94
C LEU A 147 20.80 17.34 5.16
N LYS A 148 21.74 18.00 5.84
CA LYS A 148 23.03 18.34 5.25
C LYS A 148 23.86 17.07 4.98
N LEU A 149 23.76 16.10 5.89
CA LEU A 149 24.43 14.80 5.74
C LEU A 149 23.89 13.99 4.56
N MET A 150 22.60 14.16 4.27
CA MET A 150 21.96 13.48 3.15
C MET A 150 22.33 14.07 1.80
N GLU A 151 22.70 15.36 1.79
CA GLU A 151 23.21 16.00 0.59
C GLU A 151 24.59 15.48 0.22
N LYS A 152 25.44 15.28 1.22
CA LYS A 152 26.78 14.70 1.03
C LYS A 152 26.76 13.19 0.73
N ARG A 153 25.59 12.56 0.91
CA ARG A 153 25.41 11.12 0.68
C ARG A 153 26.16 10.22 1.68
N GLU A 154 26.32 10.69 2.92
CA GLU A 154 27.02 9.94 3.96
C GLU A 154 26.11 9.53 5.12
N TYR A 155 24.81 9.80 4.96
CA TYR A 155 23.82 9.55 6.01
C TYR A 155 23.43 8.07 6.09
N LYS A 156 23.65 7.49 7.27
CA LYS A 156 23.22 6.13 7.58
C LYS A 156 22.15 6.15 8.67
N PHE A 157 21.28 5.15 8.68
CA PHE A 157 20.14 5.12 9.62
C PHE A 157 19.72 3.70 10.00
N ALA A 158 18.84 3.62 10.99
CA ALA A 158 18.23 2.35 11.39
C ALA A 158 16.71 2.44 11.26
N CYS A 159 16.09 1.33 10.88
CA CYS A 159 14.63 1.23 10.84
C CYS A 159 14.11 0.70 12.16
N GLN A 160 13.05 1.33 12.67
CA GLN A 160 12.43 0.92 13.92
C GLN A 160 11.25 0.00 13.65
N THR A 161 11.27 -1.19 14.26
CA THR A 161 10.23 -2.18 14.04
C THR A 161 9.10 -2.03 15.06
N PHE A 162 7.90 -1.77 14.53
CA PHE A 162 6.67 -1.70 15.32
C PHE A 162 5.77 -2.86 14.95
N LEU A 163 5.08 -3.40 15.94
CA LEU A 163 4.06 -4.42 15.67
C LEU A 163 2.76 -3.72 15.32
N LYS A 164 2.19 -4.08 14.18
CA LYS A 164 0.98 -3.43 13.68
C LYS A 164 -0.26 -3.87 14.45
N ASP A 165 -0.84 -2.95 15.21
CA ASP A 165 -2.06 -3.19 15.98
C ASP A 165 -3.27 -3.09 15.04
N GLU A 166 -3.80 -4.26 14.66
CA GLU A 166 -4.88 -4.31 13.67
C GLU A 166 -5.69 -5.60 13.77
N ILE A 167 -6.84 -5.61 13.09
CA ILE A 167 -7.70 -6.79 13.00
C ILE A 167 -7.17 -7.74 11.91
N ARG A 168 -7.01 -9.00 12.29
CA ARG A 168 -6.57 -10.05 11.36
C ARG A 168 -7.40 -11.31 11.55
N SER A 169 -7.43 -12.16 10.52
CA SER A 169 -8.17 -13.43 10.58
C SER A 169 -7.63 -14.31 11.70
N MET A 170 -8.54 -14.99 12.40
CA MET A 170 -8.17 -15.81 13.56
C MET A 170 -7.05 -16.81 13.29
N GLU A 171 -7.02 -17.38 12.08
CA GLU A 171 -5.96 -18.30 11.68
C GLU A 171 -4.58 -17.62 11.71
N LYS A 172 -4.53 -16.35 11.29
CA LYS A 172 -3.28 -15.59 11.27
C LYS A 172 -2.91 -15.03 12.65
N VAL A 173 -3.92 -14.64 13.43
CA VAL A 173 -3.71 -14.21 14.81
C VAL A 173 -3.14 -15.36 15.64
N ARG A 174 -3.75 -16.53 15.48
CA ARG A 174 -3.38 -17.72 16.23
C ARG A 174 -2.00 -18.26 15.81
N ALA A 175 -1.62 -18.00 14.56
CA ALA A 175 -0.31 -18.42 14.03
C ALA A 175 0.79 -17.37 14.26
N GLY A 176 0.42 -16.25 14.88
CA GLY A 176 1.37 -15.18 15.18
C GLY A 176 1.84 -14.41 13.96
N LYS A 177 1.00 -14.35 12.94
CA LYS A 177 1.33 -13.61 11.73
C LYS A 177 0.97 -12.12 11.84
N THR A 178 1.46 -11.50 12.91
CA THR A 178 1.35 -10.05 13.10
C THR A 178 2.24 -9.35 12.08
N ARG A 179 1.73 -8.29 11.47
CA ARG A 179 2.52 -7.52 10.51
C ARG A 179 3.36 -6.47 11.23
N ILE A 180 4.39 -5.97 10.54
CA ILE A 180 5.28 -4.97 11.11
C ILE A 180 5.32 -3.68 10.31
N VAL A 181 5.42 -2.56 11.02
CA VAL A 181 5.64 -1.26 10.40
C VAL A 181 7.10 -0.86 10.66
N ASP A 182 7.85 -0.67 9.58
CA ASP A 182 9.24 -0.22 9.68
C ASP A 182 9.26 1.29 9.72
N VAL A 183 9.31 1.85 10.93
CA VAL A 183 9.29 3.29 11.11
C VAL A 183 10.68 3.88 10.86
N LEU A 184 10.77 4.72 9.84
CA LEU A 184 12.02 5.38 9.47
C LEU A 184 12.12 6.73 10.17
N PRO A 185 13.35 7.19 10.42
CA PRO A 185 13.54 8.51 11.04
C PRO A 185 12.82 9.61 10.28
N VAL A 186 12.26 10.57 11.02
CA VAL A 186 11.41 11.61 10.45
C VAL A 186 12.10 12.44 9.35
N GLU A 187 13.42 12.62 9.47
CA GLU A 187 14.20 13.37 8.50
C GLU A 187 14.32 12.66 7.15
N HIS A 188 14.34 11.33 7.19
CA HIS A 188 14.39 10.51 5.98
C HIS A 188 13.08 10.67 5.21
N ILE A 189 11.97 10.62 5.94
CA ILE A 189 10.63 10.77 5.35
C ILE A 189 10.50 12.16 4.72
N LEU A 190 10.95 13.18 5.43
CA LEU A 190 10.94 14.56 4.95
C LEU A 190 11.75 14.71 3.66
N TYR A 191 13.01 14.25 3.69
CA TYR A 191 13.92 14.38 2.55
C TYR A 191 13.46 13.57 1.34
N THR A 192 12.89 12.39 1.58
CA THR A 192 12.33 11.57 0.50
C THR A 192 11.21 12.35 -0.19
N ARG A 193 10.36 12.98 0.61
CA ARG A 193 9.32 13.88 0.10
C ARG A 193 9.91 15.07 -0.64
N MET A 194 11.00 15.63 -0.10
CA MET A 194 11.72 16.71 -0.78
C MET A 194 12.19 16.31 -2.17
N MET A 195 12.69 15.08 -2.30
CA MET A 195 13.27 14.60 -3.55
C MET A 195 12.25 14.13 -4.59
N ILE A 196 11.18 13.47 -4.14
CA ILE A 196 10.19 12.92 -5.07
C ILE A 196 8.73 13.31 -4.76
N GLY A 197 8.55 14.27 -3.86
CA GLY A 197 7.21 14.72 -3.47
C GLY A 197 6.37 15.29 -4.59
N ARG A 198 7.00 16.06 -5.47
CA ARG A 198 6.34 16.65 -6.63
C ARG A 198 5.82 15.55 -7.57
N PHE A 199 6.66 14.54 -7.78
CA PHE A 199 6.35 13.36 -8.59
C PHE A 199 5.16 12.59 -8.01
N CYS A 200 5.15 12.43 -6.69
CA CYS A 200 4.07 11.75 -5.97
C CYS A 200 2.72 12.47 -6.10
N ALA A 201 2.74 13.80 -6.02
CA ALA A 201 1.55 14.62 -6.21
C ALA A 201 0.95 14.43 -7.60
N GLN A 202 1.83 14.42 -8.61
CA GLN A 202 1.41 14.20 -10.00
C GLN A 202 0.82 12.81 -10.24
N MET A 203 1.39 11.79 -9.58
CA MET A 203 0.87 10.43 -9.69
C MET A 203 -0.50 10.26 -9.05
N HIS A 204 -0.74 10.97 -7.95
CA HIS A 204 -2.06 10.97 -7.32
C HIS A 204 -3.09 11.65 -8.22
N SER A 205 -2.74 12.81 -8.78
CA SER A 205 -3.63 13.58 -9.65
C SER A 205 -3.97 12.86 -10.95
N ASN A 206 -3.01 12.11 -11.48
CA ASN A 206 -3.14 11.43 -12.76
C ASN A 206 -3.36 9.93 -12.65
N ASN A 207 -3.85 9.48 -11.50
CA ASN A 207 -4.09 8.06 -11.28
C ASN A 207 -5.06 7.47 -12.31
N GLY A 208 -4.85 6.19 -12.64
CA GLY A 208 -5.69 5.51 -13.61
C GLY A 208 -4.93 4.47 -14.41
N PRO A 209 -5.62 3.83 -15.36
CA PRO A 209 -5.08 2.74 -16.18
C PRO A 209 -3.91 3.16 -17.07
N GLN A 210 -3.86 4.43 -17.44
CA GLN A 210 -2.84 4.94 -18.35
C GLN A 210 -1.45 4.90 -17.71
N ILE A 211 -1.38 5.18 -16.41
CA ILE A 211 -0.12 5.07 -15.67
C ILE A 211 -0.05 3.77 -14.85
N GLY A 212 -1.17 3.05 -14.80
CA GLY A 212 -1.24 1.78 -14.09
C GLY A 212 -1.28 1.91 -12.57
N SER A 213 -1.74 3.07 -12.09
CA SER A 213 -1.75 3.35 -10.66
C SER A 213 -3.08 3.86 -10.17
N ALA A 214 -3.51 3.33 -9.02
CA ALA A 214 -4.73 3.81 -8.35
C ALA A 214 -4.38 4.55 -7.08
N VAL A 215 -3.09 4.80 -6.86
CA VAL A 215 -2.68 5.57 -5.69
C VAL A 215 -3.18 7.00 -5.80
N GLY A 216 -3.97 7.43 -4.82
CA GLY A 216 -4.58 8.75 -4.82
C GLY A 216 -6.03 8.74 -5.31
N CYS A 217 -6.58 7.55 -5.53
CA CYS A 217 -7.96 7.43 -6.04
C CYS A 217 -9.01 7.47 -4.92
N ASN A 218 -10.22 7.87 -5.27
CA ASN A 218 -11.38 7.76 -4.39
C ASN A 218 -12.35 6.74 -5.01
N PRO A 219 -12.39 5.51 -4.46
CA PRO A 219 -13.17 4.41 -5.02
C PRO A 219 -14.63 4.77 -5.28
N ASP A 220 -15.21 5.61 -4.43
CA ASP A 220 -16.57 6.10 -4.61
C ASP A 220 -16.82 6.65 -6.01
N VAL A 221 -15.92 7.49 -6.50
CA VAL A 221 -16.11 8.16 -7.79
C VAL A 221 -15.30 7.52 -8.92
N ASP A 222 -14.17 6.89 -8.58
CA ASP A 222 -13.26 6.35 -9.59
C ASP A 222 -13.61 4.94 -10.06
N TRP A 223 -14.52 4.27 -9.35
CA TRP A 223 -14.94 2.93 -9.71
C TRP A 223 -15.69 2.89 -11.04
N GLN A 224 -16.44 3.96 -11.32
CA GLN A 224 -17.11 4.13 -12.61
C GLN A 224 -16.11 4.29 -13.73
N ARG A 225 -15.09 5.10 -13.48
CA ARG A 225 -13.99 5.31 -14.42
C ARG A 225 -13.22 4.02 -14.67
N PHE A 226 -12.88 3.30 -13.60
CA PHE A 226 -12.13 2.05 -13.72
C PHE A 226 -12.95 0.92 -14.32
N GLY A 227 -14.17 0.76 -13.84
CA GLY A 227 -15.07 -0.32 -14.27
C GLY A 227 -15.35 -0.33 -15.76
N THR A 228 -15.75 0.81 -16.30
CA THR A 228 -16.08 0.93 -17.72
C THR A 228 -14.86 0.73 -18.61
N HIS A 229 -13.68 1.05 -18.08
CA HIS A 229 -12.43 0.80 -18.79
C HIS A 229 -12.12 -0.69 -18.94
N PHE A 230 -12.23 -1.44 -17.85
CA PHE A 230 -11.92 -2.87 -17.85
C PHE A 230 -13.04 -3.74 -18.45
N ALA A 231 -14.24 -3.17 -18.54
CA ALA A 231 -15.39 -3.86 -19.15
C ALA A 231 -15.23 -4.07 -20.66
N GLN A 232 -14.30 -3.33 -21.26
CA GLN A 232 -14.08 -3.34 -22.71
C GLN A 232 -13.09 -4.43 -23.17
N TYR A 233 -12.63 -5.25 -22.24
CA TYR A 233 -11.60 -6.25 -22.54
C TYR A 233 -12.11 -7.69 -22.43
N ARG A 234 -11.59 -8.57 -23.29
CA ARG A 234 -12.02 -9.97 -23.34
C ARG A 234 -11.62 -10.76 -22.09
N ASN A 235 -10.38 -10.53 -21.64
CA ASN A 235 -9.83 -11.24 -20.49
C ASN A 235 -9.43 -10.27 -19.37
N VAL A 236 -9.87 -10.58 -18.16
CA VAL A 236 -9.48 -9.84 -16.96
C VAL A 236 -8.97 -10.83 -15.91
N TRP A 237 -7.82 -10.50 -15.31
CA TRP A 237 -7.23 -11.37 -14.29
C TRP A 237 -7.13 -10.69 -12.93
N ASP A 238 -7.43 -11.46 -11.89
CA ASP A 238 -7.25 -11.02 -10.51
C ASP A 238 -6.01 -11.72 -9.95
N VAL A 239 -4.90 -10.98 -9.87
CA VAL A 239 -3.61 -11.53 -9.47
C VAL A 239 -3.30 -11.25 -7.99
N ASP A 240 -2.82 -12.28 -7.30
CA ASP A 240 -2.38 -12.16 -5.91
C ASP A 240 -0.91 -12.50 -5.79
N TYR A 241 -0.18 -11.68 -5.04
CA TYR A 241 1.20 -11.97 -4.65
C TYR A 241 1.21 -12.42 -3.19
N SER A 242 2.18 -13.26 -2.85
CA SER A 242 2.49 -13.55 -1.45
C SER A 242 3.75 -12.80 -1.08
N ALA A 243 3.69 -12.04 0.03
CA ALA A 243 4.80 -11.21 0.51
C ALA A 243 5.45 -10.38 -0.60
N PHE A 244 4.64 -9.58 -1.26
CA PHE A 244 5.08 -8.71 -2.37
C PHE A 244 6.18 -7.75 -1.94
N ASP A 245 5.97 -7.07 -0.82
CA ASP A 245 6.89 -6.06 -0.31
C ASP A 245 8.27 -6.61 0.03
N ALA A 246 8.31 -7.74 0.74
CA ALA A 246 9.56 -8.34 1.19
C ALA A 246 10.38 -9.00 0.08
N ASN A 247 9.70 -9.44 -0.97
CA ASN A 247 10.33 -10.22 -2.04
C ASN A 247 10.86 -9.41 -3.23
N HIS A 248 10.83 -8.08 -3.11
CA HIS A 248 11.48 -7.22 -4.08
C HIS A 248 12.98 -7.41 -3.97
N CYS A 249 13.56 -8.03 -5.00
CA CYS A 249 15.00 -8.29 -4.99
C CYS A 249 15.79 -7.00 -5.22
N SER A 250 17.01 -6.97 -4.70
CA SER A 250 17.87 -5.79 -4.76
C SER A 250 18.07 -5.31 -6.19
N ASP A 251 18.32 -6.26 -7.09
CA ASP A 251 18.52 -5.97 -8.51
C ASP A 251 17.32 -5.23 -9.10
N ALA A 252 16.12 -5.72 -8.83
CA ALA A 252 14.89 -5.09 -9.32
C ALA A 252 14.70 -3.68 -8.77
N MET A 253 15.02 -3.50 -7.49
CA MET A 253 14.87 -2.21 -6.82
C MET A 253 15.86 -1.18 -7.35
N ASN A 254 17.14 -1.57 -7.43
CA ASN A 254 18.21 -0.69 -7.93
C ASN A 254 17.99 -0.20 -9.36
N ILE A 255 17.67 -1.15 -10.25
CA ILE A 255 17.43 -0.84 -11.66
C ILE A 255 16.21 0.06 -11.86
N MET A 256 15.15 -0.19 -11.08
CA MET A 256 13.95 0.62 -11.12
C MET A 256 14.27 2.07 -10.75
N PHE A 257 14.96 2.24 -9.63
CA PHE A 257 15.31 3.58 -9.14
C PHE A 257 16.18 4.33 -10.15
N GLU A 258 17.10 3.60 -10.80
CA GLU A 258 17.96 4.17 -11.83
C GLU A 258 17.19 4.63 -13.07
N GLU A 259 16.23 3.83 -13.50
CA GLU A 259 15.50 4.11 -14.74
C GLU A 259 14.37 5.12 -14.58
N VAL A 260 13.72 5.11 -13.43
CA VAL A 260 12.57 5.99 -13.20
C VAL A 260 12.98 7.37 -12.69
N PHE A 261 13.98 7.43 -11.82
CA PHE A 261 14.31 8.69 -11.17
C PHE A 261 15.61 9.34 -11.69
N ARG A 262 15.77 9.33 -13.01
CA ARG A 262 16.92 9.95 -13.68
C ARG A 262 16.79 11.47 -13.66
N THR A 263 17.93 12.15 -13.63
CA THR A 263 17.95 13.62 -13.60
C THR A 263 17.33 14.22 -14.85
N GLU A 264 17.48 13.52 -15.98
CA GLU A 264 16.90 13.93 -17.27
C GLU A 264 15.37 13.97 -17.24
N PHE A 265 14.78 13.33 -16.23
CA PHE A 265 13.33 13.37 -16.03
C PHE A 265 12.92 14.50 -15.07
N GLY A 266 13.87 15.38 -14.77
CA GLY A 266 13.62 16.55 -13.94
C GLY A 266 13.92 16.37 -12.46
N PHE A 267 14.50 15.23 -12.10
CA PHE A 267 14.80 14.92 -10.70
C PHE A 267 16.16 15.46 -10.26
N HIS A 268 16.25 15.80 -8.98
CA HIS A 268 17.52 16.05 -8.31
C HIS A 268 18.28 14.72 -8.28
N PRO A 269 19.61 14.74 -8.44
CA PRO A 269 20.40 13.51 -8.36
C PRO A 269 20.20 12.69 -7.08
N ASN A 270 20.06 13.37 -5.95
CA ASN A 270 19.87 12.73 -4.65
C ASN A 270 18.54 11.96 -4.50
N ALA A 271 17.63 12.14 -5.44
CA ALA A 271 16.37 11.39 -5.47
C ALA A 271 16.61 9.89 -5.59
N GLU A 272 17.51 9.52 -6.52
CA GLU A 272 17.91 8.13 -6.70
C GLU A 272 18.60 7.59 -5.44
N TRP A 273 19.53 8.37 -4.88
CA TRP A 273 20.31 7.94 -3.73
C TRP A 273 19.47 7.58 -2.51
N ILE A 274 18.54 8.46 -2.14
CA ILE A 274 17.69 8.27 -0.95
C ILE A 274 16.79 7.04 -1.06
N LEU A 275 16.31 6.77 -2.28
CA LEU A 275 15.49 5.59 -2.52
C LEU A 275 16.33 4.31 -2.43
N LYS A 276 17.58 4.39 -2.87
CA LYS A 276 18.50 3.26 -2.79
C LYS A 276 18.88 2.86 -1.36
N THR A 277 18.71 3.78 -0.42
CA THR A 277 19.00 3.51 0.99
C THR A 277 17.95 2.56 1.60
N LEU A 278 16.86 2.35 0.86
CA LEU A 278 15.81 1.42 1.26
C LEU A 278 16.17 -0.03 0.95
N VAL A 279 17.18 -0.23 0.10
CA VAL A 279 17.57 -1.56 -0.36
C VAL A 279 18.26 -2.38 0.73
N ASN A 280 19.34 -1.84 1.29
CA ASN A 280 20.04 -2.47 2.42
C ASN A 280 19.73 -1.74 3.72
N THR A 281 18.94 -2.38 4.58
CA THR A 281 18.45 -1.75 5.80
C THR A 281 18.87 -2.47 7.08
N GLU A 282 19.01 -1.70 8.15
CA GLU A 282 19.18 -2.26 9.50
C GLU A 282 17.91 -2.02 10.29
N HIS A 283 17.42 -3.08 10.95
CA HIS A 283 16.16 -3.02 11.67
C HIS A 283 16.37 -3.23 13.17
N ALA A 284 15.78 -2.35 13.97
CA ALA A 284 15.92 -2.39 15.43
C ALA A 284 14.66 -2.92 16.11
N TYR A 285 14.80 -4.05 16.79
CA TYR A 285 13.71 -4.67 17.53
C TYR A 285 14.24 -5.19 18.85
N GLU A 286 13.82 -4.53 19.94
CA GLU A 286 14.34 -4.80 21.27
C GLU A 286 15.87 -4.73 21.30
N ASN A 287 16.52 -5.75 21.86
CA ASN A 287 17.98 -5.81 21.91
C ASN A 287 18.64 -6.26 20.62
N LYS A 288 17.83 -6.65 19.63
CA LYS A 288 18.35 -7.26 18.39
C LYS A 288 18.36 -6.30 17.19
N ARG A 289 19.50 -6.26 16.50
CA ARG A 289 19.66 -5.48 15.27
C ARG A 289 19.81 -6.40 14.07
N ILE A 290 18.83 -6.36 13.17
CA ILE A 290 18.79 -7.25 12.02
C ILE A 290 19.07 -6.50 10.72
N THR A 291 20.16 -6.86 10.06
CA THR A 291 20.53 -6.28 8.77
C THR A 291 19.89 -7.07 7.63
N VAL A 292 19.11 -6.37 6.80
CA VAL A 292 18.39 -6.99 5.69
C VAL A 292 18.82 -6.39 4.36
N GLU A 293 19.17 -7.25 3.41
CA GLU A 293 19.47 -6.83 2.05
C GLU A 293 18.32 -7.23 1.14
N GLY A 294 17.72 -6.25 0.49
CA GLY A 294 16.57 -6.48 -0.39
C GLY A 294 15.25 -6.26 0.34
N GLY A 295 14.21 -6.01 -0.43
CA GLY A 295 12.87 -5.79 0.12
C GLY A 295 12.58 -4.34 0.44
N MET A 296 11.30 -3.98 0.42
CA MET A 296 10.87 -2.62 0.74
C MET A 296 10.41 -2.48 2.19
N PRO A 297 10.92 -1.46 2.89
CA PRO A 297 10.41 -1.08 4.22
C PRO A 297 9.00 -0.52 4.12
N SER A 298 8.26 -0.54 5.23
CA SER A 298 6.86 -0.17 5.24
C SER A 298 6.62 1.34 5.43
N GLY A 299 7.57 2.01 6.08
CA GLY A 299 7.34 3.36 6.57
C GLY A 299 7.89 4.51 5.72
N CYS A 300 8.39 4.19 4.53
CA CYS A 300 8.83 5.23 3.60
C CYS A 300 7.59 5.96 3.08
N SER A 301 7.73 7.27 2.89
CA SER A 301 6.61 8.14 2.50
C SER A 301 6.11 7.88 1.07
N ALA A 302 6.60 6.81 0.45
CA ALA A 302 6.29 6.50 -0.94
C ALA A 302 6.24 5.01 -1.22
N THR A 303 6.00 4.19 -0.19
CA THR A 303 6.00 2.74 -0.35
C THR A 303 4.93 2.28 -1.34
N SER A 304 3.72 2.85 -1.23
CA SER A 304 2.62 2.52 -2.13
C SER A 304 2.99 2.80 -3.59
N ILE A 305 3.53 3.98 -3.84
CA ILE A 305 3.95 4.41 -5.17
C ILE A 305 5.09 3.57 -5.72
N ILE A 306 6.11 3.32 -4.89
CA ILE A 306 7.24 2.47 -5.27
C ILE A 306 6.80 1.03 -5.58
N ASN A 307 5.97 0.47 -4.69
CA ASN A 307 5.41 -0.87 -4.93
C ASN A 307 4.60 -0.93 -6.21
N THR A 308 3.76 0.09 -6.44
CA THR A 308 2.93 0.20 -7.65
C THR A 308 3.79 0.24 -8.92
N ILE A 309 4.83 1.06 -8.91
CA ILE A 309 5.77 1.14 -10.03
C ILE A 309 6.39 -0.23 -10.34
N LEU A 310 6.85 -0.93 -9.31
CA LEU A 310 7.45 -2.26 -9.47
C LEU A 310 6.44 -3.25 -10.04
N ASN A 311 5.21 -3.19 -9.54
CA ASN A 311 4.13 -4.04 -10.03
C ASN A 311 3.92 -3.89 -11.54
N ASN A 312 3.89 -2.65 -12.03
CA ASN A 312 3.76 -2.37 -13.45
C ASN A 312 4.90 -2.96 -14.28
N ILE A 313 6.12 -2.82 -13.77
CA ILE A 313 7.29 -3.33 -14.45
C ILE A 313 7.36 -4.85 -14.43
N TYR A 314 6.86 -5.46 -13.34
CA TYR A 314 6.86 -6.92 -13.21
C TYR A 314 5.99 -7.58 -14.29
N VAL A 315 4.81 -7.00 -14.52
CA VAL A 315 3.88 -7.51 -15.54
C VAL A 315 4.52 -7.39 -16.94
N LEU A 316 5.06 -6.22 -17.24
CA LEU A 316 5.75 -6.00 -18.51
C LEU A 316 6.90 -6.97 -18.68
N TYR A 317 7.65 -7.18 -17.59
CA TYR A 317 8.81 -8.08 -17.58
C TYR A 317 8.40 -9.53 -17.86
N ALA A 318 7.40 -10.01 -17.13
CA ALA A 318 6.99 -11.41 -17.20
C ALA A 318 6.40 -11.79 -18.56
N LEU A 319 5.64 -10.87 -19.15
CA LEU A 319 5.03 -11.09 -20.45
C LEU A 319 6.06 -11.09 -21.57
N ARG A 320 7.06 -10.23 -21.44
CA ARG A 320 8.13 -10.11 -22.44
C ARG A 320 9.11 -11.26 -22.38
N ARG A 321 9.22 -11.88 -21.20
CA ARG A 321 10.09 -13.02 -20.98
C ARG A 321 9.48 -14.29 -21.58
N HIS A 322 8.16 -14.30 -21.68
CA HIS A 322 7.41 -15.45 -22.19
C HIS A 322 7.03 -15.30 -23.66
N TYR A 323 6.39 -14.18 -24.01
CA TYR A 323 5.97 -13.93 -25.39
C TYR A 323 6.89 -12.96 -26.13
N GLU A 324 6.86 -13.03 -27.45
CA GLU A 324 7.57 -12.10 -28.32
C GLU A 324 6.67 -10.90 -28.67
N GLY A 325 7.30 -9.75 -28.92
CA GLY A 325 6.61 -8.56 -29.40
C GLY A 325 5.56 -7.99 -28.47
N VAL A 326 5.87 -7.98 -27.17
CA VAL A 326 4.96 -7.47 -26.16
C VAL A 326 5.28 -6.01 -25.82
N GLU A 327 4.27 -5.14 -25.95
CA GLU A 327 4.40 -3.72 -25.67
C GLU A 327 3.42 -3.28 -24.57
N LEU A 328 3.50 -2.01 -24.18
CA LEU A 328 2.63 -1.48 -23.13
C LEU A 328 1.14 -1.48 -23.49
N ASP A 329 0.82 -1.43 -24.78
CA ASP A 329 -0.57 -1.45 -25.21
C ASP A 329 -1.07 -2.86 -25.57
N THR A 330 -0.23 -3.87 -25.32
CA THR A 330 -0.61 -5.29 -25.44
C THR A 330 -1.64 -5.67 -24.37
N TYR A 331 -1.58 -4.98 -23.24
CA TYR A 331 -2.46 -5.23 -22.11
C TYR A 331 -2.81 -3.91 -21.40
N THR A 332 -3.60 -3.99 -20.34
CA THR A 332 -3.88 -2.82 -19.49
C THR A 332 -3.92 -3.26 -18.03
N MET A 333 -3.53 -2.36 -17.12
CA MET A 333 -3.53 -2.69 -15.70
C MET A 333 -3.71 -1.50 -14.78
N ILE A 334 -4.31 -1.75 -13.61
CA ILE A 334 -4.35 -0.81 -12.51
C ILE A 334 -3.70 -1.48 -11.29
N SER A 335 -2.94 -0.71 -10.53
CA SER A 335 -2.23 -1.24 -9.37
C SER A 335 -2.29 -0.30 -8.18
N TYR A 336 -2.35 -0.88 -6.99
CA TYR A 336 -2.20 -0.14 -5.74
C TYR A 336 -1.32 -0.99 -4.81
N GLY A 337 -0.03 -0.67 -4.81
CA GLY A 337 0.96 -1.53 -4.14
C GLY A 337 0.94 -2.91 -4.76
N ASP A 338 0.77 -3.93 -3.91
CA ASP A 338 0.68 -5.32 -4.36
C ASP A 338 -0.63 -5.65 -5.07
N ASP A 339 -1.69 -4.90 -4.76
CA ASP A 339 -3.01 -5.15 -5.35
C ASP A 339 -3.03 -4.80 -6.84
N ILE A 340 -3.64 -5.66 -7.64
CA ILE A 340 -3.47 -5.62 -9.09
C ILE A 340 -4.64 -6.23 -9.87
N VAL A 341 -5.09 -5.54 -10.91
CA VAL A 341 -6.05 -6.04 -11.89
C VAL A 341 -5.39 -5.92 -13.27
N VAL A 342 -5.36 -7.03 -14.01
CA VAL A 342 -4.80 -7.05 -15.36
C VAL A 342 -5.88 -7.40 -16.38
N ALA A 343 -5.80 -6.80 -17.57
CA ALA A 343 -6.74 -7.10 -18.65
C ALA A 343 -6.09 -7.02 -20.02
N SER A 344 -6.62 -7.79 -20.97
CA SER A 344 -6.12 -7.86 -22.34
C SER A 344 -7.16 -8.49 -23.27
N ASP A 345 -7.05 -8.18 -24.56
CA ASP A 345 -7.88 -8.86 -25.57
C ASP A 345 -7.20 -10.14 -26.05
N TYR A 346 -5.91 -10.27 -25.74
CA TYR A 346 -5.15 -11.48 -26.03
C TYR A 346 -5.39 -12.54 -24.96
N ASP A 347 -5.39 -13.80 -25.37
CA ASP A 347 -5.51 -14.91 -24.44
C ASP A 347 -4.16 -15.18 -23.78
N LEU A 348 -3.77 -14.31 -22.84
CA LEU A 348 -2.50 -14.44 -22.15
C LEU A 348 -2.53 -15.59 -21.15
N ASP A 349 -1.56 -16.49 -21.27
CA ASP A 349 -1.43 -17.63 -20.37
C ASP A 349 -0.72 -17.19 -19.10
N PHE A 350 -1.50 -16.75 -18.11
CA PHE A 350 -0.95 -16.28 -16.84
C PHE A 350 -0.39 -17.41 -15.98
N GLU A 351 -0.94 -18.61 -16.14
CA GLU A 351 -0.45 -19.81 -15.47
C GLU A 351 1.01 -20.08 -15.86
N ALA A 352 1.33 -19.87 -17.15
CA ALA A 352 2.69 -20.05 -17.66
C ALA A 352 3.64 -18.93 -17.20
N LEU A 353 3.09 -17.81 -16.75
CA LEU A 353 3.90 -16.67 -16.30
C LEU A 353 4.50 -16.86 -14.90
N LYS A 354 4.04 -17.88 -14.19
CA LYS A 354 4.45 -18.14 -12.79
C LYS A 354 5.98 -18.20 -12.56
N PRO A 355 6.72 -19.03 -13.34
CA PRO A 355 8.17 -19.03 -13.13
C PRO A 355 8.87 -17.75 -13.58
N HIS A 356 8.24 -17.00 -14.49
CA HIS A 356 8.78 -15.73 -14.94
C HIS A 356 8.71 -14.67 -13.84
N PHE A 357 7.66 -14.74 -13.01
CA PHE A 357 7.58 -13.91 -11.82
C PHE A 357 8.53 -14.42 -10.73
N LYS A 358 8.74 -15.74 -10.70
CA LYS A 358 9.67 -16.36 -9.75
C LYS A 358 11.12 -15.94 -9.95
N SER A 359 11.48 -15.60 -11.19
CA SER A 359 12.82 -15.08 -11.49
C SER A 359 13.05 -13.71 -10.85
N LEU A 360 11.96 -13.05 -10.46
CA LEU A 360 12.02 -11.79 -9.71
C LEU A 360 11.89 -12.04 -8.22
N GLY A 361 11.66 -13.31 -7.85
CA GLY A 361 11.46 -13.70 -6.45
C GLY A 361 10.01 -13.59 -5.99
N GLN A 362 9.11 -13.42 -6.95
CA GLN A 362 7.69 -13.20 -6.65
C GLN A 362 6.83 -14.41 -7.04
N THR A 363 5.79 -14.64 -6.25
CA THR A 363 4.90 -15.78 -6.44
C THR A 363 3.48 -15.30 -6.74
N ILE A 364 2.94 -15.71 -7.88
CA ILE A 364 1.59 -15.28 -8.26
C ILE A 364 0.56 -16.42 -8.23
N THR A 365 -0.62 -16.09 -7.72
CA THR A 365 -1.74 -17.01 -7.64
C THR A 365 -3.05 -16.27 -8.00
N PRO A 366 -4.02 -16.98 -8.60
CA PRO A 366 -5.32 -16.37 -8.86
C PRO A 366 -6.07 -16.10 -7.55
N ALA A 367 -6.71 -14.95 -7.45
CA ALA A 367 -7.41 -14.54 -6.24
C ALA A 367 -8.57 -15.48 -5.90
N ASP A 368 -9.52 -15.64 -6.82
CA ASP A 368 -10.61 -16.60 -6.65
C ASP A 368 -10.07 -18.00 -6.91
N LYS A 369 -9.27 -18.48 -5.95
CA LYS A 369 -8.49 -19.70 -6.08
C LYS A 369 -9.36 -20.90 -6.46
N SER A 370 -9.23 -21.31 -7.73
CA SER A 370 -9.96 -22.45 -8.25
C SER A 370 -9.00 -23.48 -8.81
N ASP A 371 -9.54 -24.66 -9.13
CA ASP A 371 -8.76 -25.76 -9.68
C ASP A 371 -7.99 -25.32 -10.94
N LYS A 372 -6.74 -25.77 -11.02
CA LYS A 372 -5.86 -25.50 -12.18
C LYS A 372 -5.51 -24.01 -12.44
N GLY A 373 -5.48 -23.22 -11.36
CA GLY A 373 -4.95 -21.85 -11.41
C GLY A 373 -5.72 -20.82 -12.20
N PHE A 374 -4.98 -20.00 -12.96
CA PHE A 374 -5.56 -18.92 -13.77
C PHE A 374 -6.39 -19.46 -14.94
N VAL A 375 -7.54 -18.82 -15.18
CA VAL A 375 -8.40 -19.17 -16.30
C VAL A 375 -8.76 -17.94 -17.13
N LEU A 376 -9.06 -18.14 -18.41
CA LEU A 376 -9.43 -17.06 -19.33
C LEU A 376 -10.92 -16.69 -19.18
N GLY A 377 -11.31 -15.59 -19.82
CA GLY A 377 -12.72 -15.22 -19.96
C GLY A 377 -13.38 -14.53 -18.78
N HIS A 378 -12.60 -14.21 -17.75
CA HIS A 378 -13.13 -13.47 -16.60
C HIS A 378 -13.27 -11.98 -16.93
N SER A 379 -14.22 -11.33 -16.27
CA SER A 379 -14.49 -9.91 -16.51
C SER A 379 -14.30 -9.07 -15.23
N ILE A 380 -14.58 -7.77 -15.35
CA ILE A 380 -14.40 -6.83 -14.25
C ILE A 380 -15.36 -7.07 -13.07
N THR A 381 -16.54 -7.62 -13.37
CA THR A 381 -17.53 -7.89 -12.31
C THR A 381 -17.19 -9.15 -11.52
N ASP A 382 -16.15 -9.87 -11.96
CA ASP A 382 -15.71 -11.11 -11.31
C ASP A 382 -14.58 -10.88 -10.31
N VAL A 383 -13.89 -9.75 -10.43
CA VAL A 383 -12.64 -9.51 -9.68
C VAL A 383 -12.80 -8.66 -8.42
N THR A 384 -11.70 -8.53 -7.67
CA THR A 384 -11.64 -7.72 -6.47
C THR A 384 -10.42 -6.80 -6.53
N PHE A 385 -10.64 -5.52 -6.20
CA PHE A 385 -9.59 -4.51 -6.15
C PHE A 385 -9.83 -3.63 -4.94
N LEU A 386 -8.78 -3.44 -4.14
CA LEU A 386 -8.86 -2.72 -2.85
C LEU A 386 -10.00 -3.25 -1.97
N LYS A 387 -10.10 -4.58 -1.92
CA LYS A 387 -11.12 -5.30 -1.14
C LYS A 387 -12.56 -4.93 -1.54
N ARG A 388 -12.71 -4.42 -2.76
CA ARG A 388 -14.01 -3.99 -3.29
C ARG A 388 -14.34 -4.69 -4.61
N HIS A 389 -15.58 -5.14 -4.75
CA HIS A 389 -16.07 -5.73 -6.00
C HIS A 389 -16.55 -4.64 -6.95
N PHE A 390 -16.72 -5.00 -8.22
CA PHE A 390 -17.25 -4.07 -9.22
C PHE A 390 -18.68 -4.46 -9.54
N HIS A 391 -19.62 -3.81 -8.88
CA HIS A 391 -21.04 -4.09 -9.07
C HIS A 391 -21.73 -2.91 -9.73
N MET A 392 -22.72 -3.21 -10.56
CA MET A 392 -23.49 -2.18 -11.24
C MET A 392 -24.63 -1.68 -10.34
N ASP A 393 -24.67 -0.37 -10.12
CA ASP A 393 -25.80 0.25 -9.43
C ASP A 393 -26.95 0.48 -10.42
N TYR A 394 -28.02 -0.28 -10.25
CA TYR A 394 -29.10 -0.31 -11.23
C TYR A 394 -29.97 0.94 -11.25
N GLY A 395 -29.86 1.78 -10.22
CA GLY A 395 -30.55 3.07 -10.17
C GLY A 395 -29.91 4.18 -11.00
N THR A 396 -28.60 4.11 -11.18
CA THR A 396 -27.86 5.17 -11.88
C THR A 396 -27.15 4.68 -13.15
N GLY A 397 -26.77 3.41 -13.15
CA GLY A 397 -26.01 2.83 -14.26
C GLY A 397 -24.50 2.91 -14.05
N PHE A 398 -24.08 3.33 -12.86
CA PHE A 398 -22.66 3.47 -12.55
C PHE A 398 -22.13 2.30 -11.72
N TYR A 399 -20.87 1.94 -11.97
CA TYR A 399 -20.19 0.94 -11.13
C TYR A 399 -20.01 1.48 -9.71
N LYS A 400 -20.33 0.62 -8.74
CA LYS A 400 -20.17 0.94 -7.33
C LYS A 400 -19.23 -0.06 -6.65
N PRO A 401 -18.38 0.41 -5.72
CA PRO A 401 -17.50 -0.49 -4.97
C PRO A 401 -18.23 -1.18 -3.82
N VAL A 402 -18.37 -2.49 -3.90
CA VAL A 402 -19.06 -3.26 -2.87
C VAL A 402 -18.08 -4.16 -2.13
N MET A 403 -17.94 -3.93 -0.83
CA MET A 403 -17.15 -4.80 0.03
C MET A 403 -17.99 -5.98 0.49
N ALA A 404 -17.33 -7.10 0.78
CA ALA A 404 -18.02 -8.29 1.29
C ALA A 404 -18.61 -8.00 2.66
N SER A 405 -19.73 -8.65 2.98
CA SER A 405 -20.41 -8.45 4.26
C SER A 405 -19.60 -8.93 5.45
N LYS A 406 -18.83 -10.01 5.27
CA LYS A 406 -17.98 -10.56 6.33
C LYS A 406 -16.91 -9.56 6.75
N THR A 407 -16.36 -8.84 5.78
CA THR A 407 -15.36 -7.80 5.99
C THR A 407 -15.95 -6.61 6.76
N LEU A 408 -17.11 -6.13 6.31
CA LEU A 408 -17.82 -5.05 6.97
C LEU A 408 -18.21 -5.41 8.39
N GLU A 409 -18.67 -6.66 8.57
CA GLU A 409 -19.00 -7.19 9.90
C GLU A 409 -17.78 -7.17 10.82
N ALA A 410 -16.63 -7.54 10.27
CA ALA A 410 -15.38 -7.58 11.02
C ALA A 410 -14.91 -6.18 11.41
N ILE A 411 -14.97 -5.25 10.47
CA ILE A 411 -14.56 -3.86 10.70
C ILE A 411 -15.44 -3.21 11.77
N LEU A 412 -16.73 -3.52 11.76
CA LEU A 412 -17.68 -2.99 12.73
C LEU A 412 -17.62 -3.66 14.10
N SER A 413 -16.94 -4.82 14.18
CA SER A 413 -16.86 -5.59 15.41
C SER A 413 -15.82 -5.08 16.41
N PHE A 414 -14.90 -4.25 15.94
CA PHE A 414 -13.84 -3.71 16.78
C PHE A 414 -13.62 -2.23 16.53
N ALA A 415 -13.18 -1.52 17.57
CA ALA A 415 -12.79 -0.11 17.48
C ALA A 415 -11.86 0.28 18.62
N ARG A 416 -11.14 1.39 18.45
CA ARG A 416 -10.36 1.99 19.54
C ARG A 416 -11.33 2.71 20.45
N ARG A 417 -11.04 2.71 21.76
CA ARG A 417 -11.91 3.33 22.75
C ARG A 417 -12.19 4.80 22.44
N GLY A 418 -13.47 5.15 22.38
CA GLY A 418 -13.90 6.53 22.15
C GLY A 418 -14.01 6.99 20.71
N THR A 419 -13.69 6.11 19.76
CA THR A 419 -13.72 6.46 18.33
C THR A 419 -14.94 5.91 17.58
N ILE A 420 -15.79 5.14 18.29
CA ILE A 420 -16.87 4.37 17.68
C ILE A 420 -17.77 5.20 16.75
N GLN A 421 -18.22 6.36 17.25
CA GLN A 421 -19.11 7.24 16.47
C GLN A 421 -18.47 7.71 15.16
N GLU A 422 -17.19 8.06 15.21
CA GLU A 422 -16.46 8.46 14.01
C GLU A 422 -16.25 7.29 13.05
N LYS A 423 -15.98 6.09 13.60
CA LYS A 423 -15.79 4.91 12.77
C LYS A 423 -17.07 4.49 12.06
N LEU A 424 -18.19 4.53 12.78
CA LEU A 424 -19.49 4.18 12.23
C LEU A 424 -19.83 4.99 10.97
N ILE A 425 -19.70 6.31 11.05
CA ILE A 425 -19.96 7.20 9.92
C ILE A 425 -19.04 6.93 8.74
N SER A 426 -17.78 6.59 9.03
CA SER A 426 -16.80 6.24 8.01
C SER A 426 -17.13 4.92 7.31
N VAL A 427 -17.50 3.90 8.08
CA VAL A 427 -17.83 2.57 7.53
C VAL A 427 -19.16 2.61 6.77
N ALA A 428 -20.09 3.42 7.26
CA ALA A 428 -21.34 3.67 6.55
C ALA A 428 -21.08 4.15 5.12
N GLY A 429 -20.01 4.91 4.94
CA GLY A 429 -19.56 5.36 3.62
C GLY A 429 -19.25 4.20 2.69
N LEU A 430 -18.78 3.10 3.26
CA LEU A 430 -18.45 1.89 2.50
C LEU A 430 -19.64 0.94 2.40
N ALA A 431 -20.44 0.89 3.46
CA ALA A 431 -21.57 -0.05 3.54
C ALA A 431 -22.76 0.32 2.66
N VAL A 432 -22.85 1.59 2.26
CA VAL A 432 -23.96 2.09 1.44
C VAL A 432 -24.11 1.34 0.11
N HIS A 433 -22.99 0.88 -0.45
CA HIS A 433 -23.01 0.22 -1.75
C HIS A 433 -23.48 -1.24 -1.69
N SER A 434 -23.66 -1.76 -0.48
CA SER A 434 -24.15 -3.12 -0.29
C SER A 434 -25.67 -3.23 -0.45
N GLY A 435 -26.36 -2.10 -0.51
CA GLY A 435 -27.81 -2.07 -0.68
C GLY A 435 -28.56 -1.84 0.63
N PRO A 436 -29.81 -1.39 0.53
CA PRO A 436 -30.63 -0.98 1.67
C PRO A 436 -30.84 -2.07 2.73
N ASP A 437 -31.00 -3.31 2.28
CA ASP A 437 -31.27 -4.43 3.19
C ASP A 437 -30.04 -4.82 4.00
N GLU A 438 -28.89 -4.92 3.34
CA GLU A 438 -27.65 -5.28 4.01
C GLU A 438 -27.13 -4.14 4.88
N TYR A 439 -27.24 -2.91 4.37
CA TYR A 439 -26.87 -1.71 5.12
C TYR A 439 -27.57 -1.70 6.48
N ARG A 440 -28.89 -1.88 6.46
CA ARG A 440 -29.71 -1.87 7.67
C ARG A 440 -29.29 -2.96 8.66
N ARG A 441 -29.05 -4.16 8.15
CA ARG A 441 -28.66 -5.30 8.98
C ARG A 441 -27.32 -5.07 9.66
N LEU A 442 -26.37 -4.51 8.91
CA LEU A 442 -25.01 -4.26 9.40
C LEU A 442 -24.96 -3.25 10.56
N PHE A 443 -25.87 -2.28 10.56
CA PHE A 443 -25.90 -1.25 11.59
C PHE A 443 -26.97 -1.44 12.66
N GLU A 444 -27.64 -2.59 12.62
CA GLU A 444 -28.68 -2.96 13.58
C GLU A 444 -28.21 -2.90 15.04
N PRO A 445 -27.06 -3.52 15.38
CA PRO A 445 -26.59 -3.51 16.77
C PRO A 445 -26.30 -2.13 17.34
N PHE A 446 -26.08 -1.15 16.47
CA PHE A 446 -25.70 0.20 16.89
C PHE A 446 -26.89 1.13 17.07
N GLN A 447 -28.06 0.72 16.55
CA GLN A 447 -29.29 1.53 16.59
C GLN A 447 -29.70 1.90 18.02
N GLY A 448 -29.92 3.19 18.24
CA GLY A 448 -30.26 3.70 19.57
C GLY A 448 -29.05 4.01 20.44
N LEU A 449 -27.90 3.44 20.08
CA LEU A 449 -26.67 3.66 20.84
C LEU A 449 -25.80 4.76 20.22
N PHE A 450 -25.85 4.87 18.89
CA PHE A 450 -25.06 5.86 18.15
C PHE A 450 -25.86 6.41 16.98
N GLU A 451 -25.38 7.51 16.41
CA GLU A 451 -25.98 8.05 15.20
C GLU A 451 -25.53 7.23 13.99
N ILE A 452 -26.51 6.65 13.30
CA ILE A 452 -26.25 5.97 12.04
C ILE A 452 -26.88 6.79 10.91
N PRO A 453 -26.07 7.18 9.91
CA PRO A 453 -26.60 7.91 8.75
C PRO A 453 -27.61 7.07 7.99
N SER A 454 -28.68 7.70 7.50
CA SER A 454 -29.69 6.99 6.72
C SER A 454 -29.09 6.58 5.39
N TYR A 455 -29.49 5.39 4.91
CA TYR A 455 -29.10 4.91 3.60
C TYR A 455 -29.37 5.96 2.52
N ARG A 456 -30.57 6.55 2.56
CA ARG A 456 -31.00 7.57 1.60
C ARG A 456 -29.99 8.72 1.47
N SER A 457 -29.59 9.29 2.61
CA SER A 457 -28.66 10.42 2.66
C SER A 457 -27.31 10.10 2.02
N LEU A 458 -26.79 8.90 2.32
CA LEU A 458 -25.49 8.49 1.78
C LEU A 458 -25.56 8.08 0.31
N TYR A 459 -26.70 7.55 -0.11
CA TYR A 459 -26.92 7.21 -1.51
C TYR A 459 -26.92 8.46 -2.38
N LEU A 460 -27.64 9.49 -1.93
CA LEU A 460 -27.72 10.76 -2.65
C LEU A 460 -26.38 11.50 -2.65
N ARG A 461 -25.63 11.38 -1.56
CA ARG A 461 -24.28 11.94 -1.47
C ARG A 461 -23.40 11.33 -2.54
N TRP A 462 -23.50 10.01 -2.70
CA TRP A 462 -22.70 9.27 -3.68
C TRP A 462 -23.01 9.64 -5.13
N VAL A 463 -24.29 9.69 -5.47
CA VAL A 463 -24.74 10.01 -6.84
C VAL A 463 -24.16 11.34 -7.34
N ASN A 464 -24.17 12.35 -6.48
CA ASN A 464 -23.59 13.65 -6.81
C ASN A 464 -22.07 13.59 -6.93
N ALA A 465 -21.44 12.79 -6.08
CA ALA A 465 -19.98 12.65 -6.06
C ALA A 465 -19.46 12.05 -7.36
N VAL A 466 -20.11 10.99 -7.84
CA VAL A 466 -19.70 10.30 -9.06
C VAL A 466 -19.97 11.14 -10.31
N CYS A 467 -21.14 11.79 -10.35
CA CYS A 467 -21.54 12.60 -11.50
C CYS A 467 -22.57 13.64 -11.08
N GLY A 468 -22.12 14.88 -10.94
CA GLY A 468 -22.99 15.99 -10.51
C GLY A 468 -24.14 16.25 -11.47
N ASP A 469 -23.82 16.25 -12.76
CA ASP A 469 -24.82 16.47 -13.83
C ASP A 469 -25.96 15.46 -13.80
N ALA A 470 -25.65 14.20 -13.50
CA ALA A 470 -26.64 13.13 -13.36
C ALA A 470 -27.64 13.44 -12.26
N ALA A 471 -27.14 13.84 -11.09
CA ALA A 471 -27.99 14.21 -9.95
C ALA A 471 -28.74 15.51 -10.23
N ALA A 472 -28.11 16.40 -11.00
CA ALA A 472 -28.77 17.61 -11.47
C ALA A 472 -29.91 17.26 -12.43
N LEU A 473 -29.64 16.31 -13.32
CA LEU A 473 -30.61 15.87 -14.32
C LEU A 473 -31.74 15.04 -13.72
N ALA A 474 -31.43 14.25 -12.70
CA ALA A 474 -32.44 13.42 -12.01
C ALA A 474 -33.55 14.25 -11.37
N HIS A 475 -33.50 15.56 -11.57
CA HIS A 475 -34.54 16.49 -11.13
C HIS A 475 -35.31 17.08 -12.31
N HIS A 476 -35.30 16.37 -13.44
CA HIS A 476 -36.03 16.78 -14.63
C HIS A 476 -37.54 16.90 -14.40
#